data_9M8P
#
_entry.id   9M8P
#
loop_
_entity.id
_entity.type
_entity.pdbx_description
1 polymer 'Soluble cytochrome b562,G-protein coupled receptor 3'
2 non-polymer (Z)-N-(2-hydroxyethyl)octadec-9-enamide
3 non-polymer 1-DODECANOL
4 non-polymer (4Z)-oct-4-en-1-ol
5 non-polymer N-[(4-chloranyl-2-propan-2-yloxy-phenyl)methyl]-5-phenyl-[1,2,4]triazolo[1,5-a]pyrimidin-7-amine
#
_entity_poly.entity_id   1
_entity_poly.type   'polypeptide(L)'
_entity_poly.pdbx_seq_one_letter_code
;DYKDDDDKLEVLFQGPGSADLEDNWETLNDNLKVIEKADNAAQVKDALTKMRAAALDAQKATPPKLEDKSPDSPEMKDFR
HGFDILVGQIDDALKLANEGKVKEAQAAAEQLKTTRNAYIQKYLMMWGAGSPLAWLSAGSGNVNVSSVGPAEGPTGPAAP
LPSPKAWDVVLCISGTLVSCENALVVAIIVGTPAFRAPMFLLVGSLAVADLLAGLGLVLHFAAVFCIGSAEMSLVLVGVL
AMAFTASIGSLLAITVDRYLSLYNALTYYSETTVTRTYVMLALVWGGALGLGLLPVLAWNCLDGLTTCGVVYPLSKNHLV
VLAIAFFMVFGIMLQLYAQICRIVCRHAQQIALQRHLLPASHYVATRKGIATLAVVLGAFAACWLPFTVYCLLGDAHSPP
LYTYLTLLPATYNSMINPIIYAFRNQDVQKVLWAVCCCCSSSKIPFRSRSPSDVLEHHHHHHHHHH
;
_entity_poly.pdbx_strand_id   A,B
#
loop_
_chem_comp.id
_chem_comp.type
_chem_comp.name
_chem_comp.formula
1DO non-polymer 1-DODECANOL 'C12 H26 O'
5YM non-polymer (Z)-N-(2-hydroxyethyl)octadec-9-enamide 'C20 H39 N O2'
A1AJD non-polymer (4Z)-oct-4-en-1-ol 'C8 H16 O'
A1EM2 non-polymer N-[(4-chloranyl-2-propan-2-yloxy-phenyl)methyl]-5-phenyl-[1,2,4]triazolo[1,5-a]pyrimidin-7-amine 'C21 H20 Cl N5 O'
#
# COMPACT_ATOMS: atom_id res chain seq x y z
N PRO A 160 -4.99 43.64 -5.30
CA PRO A 160 -4.06 43.09 -6.28
C PRO A 160 -4.11 41.57 -6.38
N LEU A 161 -5.01 41.06 -7.21
CA LEU A 161 -5.13 39.62 -7.38
C LEU A 161 -3.93 39.07 -8.12
N PRO A 162 -3.45 37.88 -7.77
CA PRO A 162 -2.23 37.34 -8.40
C PRO A 162 -2.39 37.15 -9.90
N SER A 163 -1.32 37.41 -10.62
CA SER A 163 -1.29 37.17 -12.06
C SER A 163 -1.02 35.69 -12.33
N PRO A 164 -1.84 35.03 -13.15
CA PRO A 164 -1.64 33.60 -13.39
C PRO A 164 -0.30 33.30 -14.04
N LYS A 165 0.27 32.16 -13.67
CA LYS A 165 1.52 31.69 -14.24
C LYS A 165 1.24 30.67 -15.34
N ALA A 166 2.31 30.24 -16.01
CA ALA A 166 2.17 29.31 -17.13
C ALA A 166 1.58 27.98 -16.67
N TRP A 167 2.09 27.43 -15.56
CA TRP A 167 1.62 26.14 -15.09
C TRP A 167 0.17 26.20 -14.65
N ASP A 168 -0.26 27.31 -14.04
CA ASP A 168 -1.65 27.44 -13.65
C ASP A 168 -2.57 27.43 -14.86
N VAL A 169 -2.18 28.14 -15.93
CA VAL A 169 -2.95 28.10 -17.17
C VAL A 169 -2.97 26.69 -17.75
N VAL A 170 -1.85 25.98 -17.62
CA VAL A 170 -1.79 24.60 -18.12
C VAL A 170 -2.78 23.72 -17.39
N LEU A 171 -2.84 23.82 -16.06
CA LEU A 171 -3.81 23.03 -15.31
C LEU A 171 -5.24 23.46 -15.60
N CYS A 172 -5.48 24.76 -15.83
CA CYS A 172 -6.84 25.18 -16.20
C CYS A 172 -7.25 24.58 -17.54
N ILE A 173 -6.34 24.58 -18.53
CA ILE A 173 -6.66 24.00 -19.83
C ILE A 173 -6.89 22.50 -19.71
N SER A 174 -6.05 21.81 -18.94
CA SER A 174 -6.23 20.39 -18.74
C SER A 174 -7.55 20.08 -18.05
N GLY A 175 -7.93 20.89 -17.07
CA GLY A 175 -9.22 20.72 -16.44
C GLY A 175 -10.37 20.92 -17.42
N THR A 176 -10.24 21.90 -18.32
CA THR A 176 -11.27 22.10 -19.33
C THR A 176 -11.40 20.88 -20.23
N LEU A 177 -10.27 20.33 -20.69
CA LEU A 177 -10.31 19.16 -21.56
C LEU A 177 -10.92 17.95 -20.85
N VAL A 178 -10.54 17.73 -19.59
CA VAL A 178 -11.08 16.62 -18.83
C VAL A 178 -12.59 16.80 -18.64
N SER A 179 -13.02 18.02 -18.33
CA SER A 179 -14.44 18.29 -18.16
C SER A 179 -15.21 17.99 -19.44
N CYS A 180 -14.67 18.42 -20.59
CA CYS A 180 -15.36 18.17 -21.85
C CYS A 180 -15.49 16.68 -22.13
N GLU A 181 -14.39 15.94 -21.99
CA GLU A 181 -14.42 14.51 -22.31
C GLU A 181 -15.38 13.76 -21.39
N ASN A 182 -15.29 14.02 -20.08
CA ASN A 182 -16.14 13.27 -19.16
C ASN A 182 -17.59 13.73 -19.21
N ALA A 183 -17.84 14.99 -19.57
CA ALA A 183 -19.22 15.41 -19.82
C ALA A 183 -19.80 14.67 -21.00
N LEU A 184 -19.00 14.48 -22.07
CA LEU A 184 -19.45 13.70 -23.20
C LEU A 184 -19.78 12.27 -22.78
N VAL A 185 -18.90 11.66 -21.99
CA VAL A 185 -19.12 10.27 -21.59
C VAL A 185 -20.37 10.14 -20.72
N VAL A 186 -20.54 11.05 -19.76
CA VAL A 186 -21.71 11.00 -18.88
C VAL A 186 -22.98 11.23 -19.67
N ALA A 187 -22.96 12.18 -20.62
CA ALA A 187 -24.13 12.41 -21.45
C ALA A 187 -24.48 11.19 -22.28
N ILE A 188 -23.47 10.51 -22.82
CA ILE A 188 -23.73 9.28 -23.58
C ILE A 188 -24.37 8.23 -22.69
N ILE A 189 -23.83 8.05 -21.48
CA ILE A 189 -24.34 7.00 -20.60
C ILE A 189 -25.76 7.31 -20.15
N VAL A 190 -26.04 8.55 -19.75
CA VAL A 190 -27.34 8.84 -19.15
C VAL A 190 -28.41 9.13 -20.19
N GLY A 191 -28.03 9.50 -21.41
CA GLY A 191 -29.03 9.86 -22.40
C GLY A 191 -29.93 8.71 -22.79
N THR A 192 -29.35 7.54 -23.00
CA THR A 192 -30.14 6.40 -23.43
C THR A 192 -30.41 5.48 -22.23
N PRO A 193 -31.65 4.99 -22.06
CA PRO A 193 -31.95 4.11 -20.93
C PRO A 193 -31.41 2.69 -21.09
N ALA A 194 -30.62 2.42 -22.13
CA ALA A 194 -30.08 1.07 -22.31
C ALA A 194 -29.02 0.76 -21.25
N PHE A 195 -28.13 1.69 -20.98
CA PHE A 195 -27.04 1.48 -20.02
C PHE A 195 -27.58 1.66 -18.61
N ARG A 196 -28.15 0.58 -18.07
CA ARG A 196 -28.57 0.55 -16.67
C ARG A 196 -27.96 -0.65 -15.94
N ALA A 197 -27.08 -1.41 -16.59
CA ALA A 197 -26.46 -2.55 -15.96
C ALA A 197 -25.48 -2.08 -14.89
N PRO A 198 -25.24 -2.91 -13.86
CA PRO A 198 -24.24 -2.55 -12.83
C PRO A 198 -22.83 -2.49 -13.38
N MET A 199 -22.64 -2.95 -14.62
CA MET A 199 -21.34 -2.84 -15.28
C MET A 199 -21.06 -1.42 -15.77
N PHE A 200 -22.10 -0.70 -16.22
CA PHE A 200 -21.93 0.66 -16.67
C PHE A 200 -22.09 1.68 -15.56
N LEU A 201 -22.65 1.30 -14.42
CA LEU A 201 -22.79 2.24 -13.31
C LEU A 201 -21.43 2.64 -12.75
N LEU A 202 -20.49 1.70 -12.68
CA LEU A 202 -19.15 2.02 -12.22
C LEU A 202 -18.45 2.97 -13.17
N VAL A 203 -18.60 2.76 -14.48
CA VAL A 203 -18.02 3.67 -15.46
C VAL A 203 -18.68 5.04 -15.35
N GLY A 204 -19.99 5.08 -15.11
CA GLY A 204 -20.65 6.36 -14.90
C GLY A 204 -20.13 7.09 -13.68
N SER A 205 -19.90 6.35 -12.59
CA SER A 205 -19.36 6.97 -11.38
C SER A 205 -17.96 7.51 -11.61
N LEU A 206 -17.11 6.74 -12.30
CA LEU A 206 -15.77 7.22 -12.62
C LEU A 206 -15.82 8.46 -13.49
N ALA A 207 -16.71 8.48 -14.48
CA ALA A 207 -16.85 9.64 -15.36
C ALA A 207 -17.34 10.85 -14.58
N VAL A 208 -18.29 10.66 -13.66
CA VAL A 208 -18.77 11.77 -12.85
C VAL A 208 -17.66 12.31 -11.96
N ALA A 209 -16.87 11.42 -11.35
CA ALA A 209 -15.77 11.88 -10.52
C ALA A 209 -14.75 12.67 -11.32
N ASP A 210 -14.40 12.19 -12.51
CA ASP A 210 -13.42 12.91 -13.33
C ASP A 210 -13.98 14.25 -13.81
N LEU A 211 -15.27 14.29 -14.16
CA LEU A 211 -15.88 15.55 -14.55
C LEU A 211 -15.88 16.54 -13.40
N LEU A 212 -16.16 16.05 -12.18
CA LEU A 212 -16.09 16.92 -11.01
C LEU A 212 -14.68 17.45 -10.80
N ALA A 213 -13.67 16.60 -10.99
CA ALA A 213 -12.28 17.05 -10.85
C ALA A 213 -11.95 18.14 -11.87
N GLY A 214 -12.35 17.95 -13.13
CA GLY A 214 -12.05 18.95 -14.15
C GLY A 214 -12.77 20.27 -13.91
N LEU A 215 -14.06 20.20 -13.57
CA LEU A 215 -14.81 21.41 -13.27
C LEU A 215 -14.24 22.11 -12.05
N GLY A 216 -13.80 21.33 -11.06
CA GLY A 216 -13.17 21.92 -9.89
C GLY A 216 -11.87 22.62 -10.22
N LEU A 217 -11.06 22.03 -11.09
CA LEU A 217 -9.83 22.68 -11.52
C LEU A 217 -10.14 24.02 -12.19
N VAL A 218 -11.09 24.03 -13.13
CA VAL A 218 -11.40 25.27 -13.85
C VAL A 218 -11.95 26.32 -12.89
N LEU A 219 -12.90 25.93 -12.03
CA LEU A 219 -13.49 26.89 -11.11
C LEU A 219 -12.50 27.35 -10.06
N HIS A 220 -11.54 26.49 -9.67
CA HIS A 220 -10.51 26.90 -8.72
C HIS A 220 -9.59 27.95 -9.33
N PHE A 221 -9.15 27.72 -10.56
CA PHE A 221 -8.34 28.74 -11.23
C PHE A 221 -9.11 30.05 -11.32
N ALA A 222 -10.38 29.99 -11.74
CA ALA A 222 -11.17 31.21 -11.89
C ALA A 222 -11.37 31.92 -10.56
N ALA A 223 -11.64 31.17 -9.50
CA ALA A 223 -11.93 31.76 -8.20
C ALA A 223 -10.68 32.12 -7.41
N VAL A 224 -9.50 31.74 -7.86
CA VAL A 224 -8.28 32.17 -7.18
C VAL A 224 -7.57 33.31 -7.93
N PHE A 225 -7.64 33.34 -9.26
CA PHE A 225 -6.95 34.39 -10.02
C PHE A 225 -7.86 35.41 -10.68
N CYS A 226 -9.16 35.15 -10.82
CA CYS A 226 -10.07 36.10 -11.45
C CYS A 226 -11.03 36.73 -10.45
N ILE A 227 -11.76 35.91 -9.70
CA ILE A 227 -12.63 36.44 -8.64
C ILE A 227 -12.09 35.97 -7.29
N GLY A 228 -11.23 36.80 -6.70
CA GLY A 228 -10.53 36.42 -5.48
C GLY A 228 -11.43 36.16 -4.29
N SER A 229 -11.21 35.03 -3.63
CA SER A 229 -11.95 34.69 -2.41
C SER A 229 -11.11 33.70 -1.61
N ALA A 230 -11.09 33.88 -0.29
CA ALA A 230 -10.31 33.04 0.59
C ALA A 230 -11.09 31.88 1.17
N GLU A 231 -12.39 32.02 1.36
CA GLU A 231 -13.23 30.96 1.90
C GLU A 231 -13.85 30.10 0.81
N MET A 232 -13.51 30.35 -0.46
CA MET A 232 -13.97 29.56 -1.60
C MET A 232 -12.92 28.64 -2.16
N SER A 233 -11.66 29.10 -2.24
CA SER A 233 -10.59 28.26 -2.76
C SER A 233 -10.38 27.02 -1.91
N LEU A 234 -10.49 27.14 -0.59
CA LEU A 234 -10.34 25.97 0.27
C LEU A 234 -11.43 24.93 0.00
N VAL A 235 -12.68 25.38 -0.17
CA VAL A 235 -13.78 24.47 -0.45
C VAL A 235 -13.56 23.79 -1.79
N LEU A 236 -13.13 24.55 -2.80
CA LEU A 236 -12.91 23.94 -4.11
C LEU A 236 -11.72 22.98 -4.09
N VAL A 237 -10.68 23.27 -3.31
CA VAL A 237 -9.58 22.32 -3.19
C VAL A 237 -10.05 21.03 -2.52
N GLY A 238 -10.90 21.15 -1.51
CA GLY A 238 -11.52 19.97 -0.93
C GLY A 238 -12.33 19.18 -1.95
N VAL A 239 -13.04 19.90 -2.83
CA VAL A 239 -13.81 19.25 -3.88
C VAL A 239 -12.89 18.49 -4.85
N LEU A 240 -11.75 19.08 -5.22
CA LEU A 240 -10.80 18.36 -6.06
C LEU A 240 -10.27 17.11 -5.36
N ALA A 241 -9.97 17.22 -4.06
CA ALA A 241 -9.50 16.05 -3.33
C ALA A 241 -10.57 14.95 -3.33
N MET A 242 -11.83 15.33 -3.09
CA MET A 242 -12.91 14.36 -3.11
C MET A 242 -13.07 13.72 -4.49
N ALA A 243 -12.96 14.52 -5.54
CA ALA A 243 -13.11 13.98 -6.89
C ALA A 243 -11.99 13.01 -7.23
N PHE A 244 -10.75 13.32 -6.85
CA PHE A 244 -9.65 12.40 -7.12
C PHE A 244 -9.79 11.11 -6.32
N THR A 245 -10.20 11.22 -5.04
CA THR A 245 -10.42 10.02 -4.25
C THR A 245 -11.54 9.17 -4.84
N ALA A 246 -12.63 9.79 -5.28
CA ALA A 246 -13.71 9.05 -5.91
C ALA A 246 -13.27 8.42 -7.23
N SER A 247 -12.43 9.10 -8.00
CA SER A 247 -11.93 8.53 -9.24
C SER A 247 -11.13 7.27 -8.98
N ILE A 248 -10.22 7.32 -8.00
CA ILE A 248 -9.41 6.14 -7.71
C ILE A 248 -10.26 5.02 -7.12
N GLY A 249 -11.22 5.36 -6.26
CA GLY A 249 -12.12 4.34 -5.74
C GLY A 249 -12.95 3.68 -6.83
N SER A 250 -13.42 4.47 -7.80
CA SER A 250 -14.18 3.91 -8.91
C SER A 250 -13.30 3.06 -9.82
N LEU A 251 -12.03 3.43 -10.00
CA LEU A 251 -11.10 2.55 -10.71
C LEU A 251 -10.96 1.21 -10.01
N LEU A 252 -10.81 1.26 -8.68
CA LEU A 252 -10.71 0.01 -7.92
C LEU A 252 -11.98 -0.82 -8.04
N ALA A 253 -13.14 -0.17 -7.97
CA ALA A 253 -14.40 -0.89 -8.09
C ALA A 253 -14.55 -1.52 -9.47
N ILE A 254 -14.15 -0.79 -10.52
CA ILE A 254 -14.20 -1.35 -11.87
C ILE A 254 -13.29 -2.56 -11.98
N THR A 255 -12.09 -2.61 -11.40
CA THR A 255 -11.23 -3.84 -11.41
C THR A 255 -11.80 -5.02 -10.64
N VAL A 256 -12.19 -4.77 -9.38
CA VAL A 256 -12.77 -5.85 -8.53
C VAL A 256 -13.90 -6.51 -9.32
N ASP A 257 -14.83 -5.71 -9.86
CA ASP A 257 -15.99 -6.28 -10.58
C ASP A 257 -15.50 -7.07 -11.80
N ARG A 258 -14.52 -6.52 -12.53
CA ARG A 258 -14.01 -7.20 -13.75
C ARG A 258 -13.38 -8.54 -13.37
N TYR A 259 -12.61 -8.57 -12.28
CA TYR A 259 -11.97 -9.83 -11.83
C TYR A 259 -13.06 -10.82 -11.41
N LEU A 260 -14.08 -10.35 -10.70
CA LEU A 260 -15.14 -11.25 -10.18
C LEU A 260 -15.92 -11.82 -11.36
N SER A 261 -16.02 -11.06 -12.46
CA SER A 261 -16.85 -11.58 -13.57
C SER A 261 -16.09 -12.42 -14.58
N LEU A 262 -14.78 -12.43 -14.57
CA LEU A 262 -14.06 -13.42 -15.39
C LEU A 262 -14.13 -14.59 -14.43
N TYR A 263 -14.04 -14.33 -13.13
CA TYR A 263 -13.98 -15.46 -12.22
C TYR A 263 -15.28 -16.27 -12.22
N ASN A 264 -16.43 -15.58 -12.25
CA ASN A 264 -17.70 -16.27 -12.32
C ASN A 264 -18.04 -16.78 -13.72
N ALA A 265 -17.25 -16.41 -14.73
CA ALA A 265 -17.49 -16.89 -16.08
C ALA A 265 -16.72 -18.16 -16.40
N LEU A 266 -15.60 -18.41 -15.72
CA LEU A 266 -14.81 -19.62 -15.90
C LEU A 266 -14.95 -20.55 -14.71
N THR A 267 -16.06 -20.42 -13.98
CA THR A 267 -16.37 -21.28 -12.85
C THR A 267 -17.80 -21.82 -12.90
N TYR A 268 -18.61 -21.34 -13.84
CA TYR A 268 -19.99 -21.81 -14.02
C TYR A 268 -20.81 -21.57 -12.76
N TYR A 269 -20.64 -20.41 -12.15
CA TYR A 269 -21.42 -19.99 -10.99
C TYR A 269 -22.19 -18.74 -11.34
N SER A 270 -23.51 -18.76 -11.09
CA SER A 270 -24.35 -17.60 -11.37
C SER A 270 -23.90 -16.40 -10.54
N GLU A 271 -23.75 -15.26 -11.20
CA GLU A 271 -23.20 -14.08 -10.55
C GLU A 271 -24.30 -13.19 -9.99
N THR A 272 -24.09 -12.73 -8.77
CA THR A 272 -24.96 -11.75 -8.13
C THR A 272 -24.21 -10.43 -8.04
N THR A 273 -24.61 -9.46 -8.85
CA THR A 273 -23.90 -8.19 -8.92
C THR A 273 -24.89 -7.03 -8.96
N VAL A 274 -26.07 -7.22 -8.37
CA VAL A 274 -27.08 -6.19 -8.29
C VAL A 274 -26.98 -5.38 -7.01
N THR A 275 -26.57 -5.97 -5.91
CA THR A 275 -26.43 -5.27 -4.63
C THR A 275 -24.99 -4.94 -4.27
N ARG A 276 -24.03 -5.81 -4.62
CA ARG A 276 -22.64 -5.52 -4.28
C ARG A 276 -22.11 -4.32 -5.04
N THR A 277 -22.65 -4.04 -6.23
CA THR A 277 -22.24 -2.84 -6.96
C THR A 277 -22.71 -1.59 -6.24
N TYR A 278 -23.92 -1.60 -5.70
CA TYR A 278 -24.41 -0.48 -4.91
C TYR A 278 -23.56 -0.28 -3.67
N VAL A 279 -23.16 -1.38 -3.02
CA VAL A 279 -22.32 -1.28 -1.83
C VAL A 279 -20.96 -0.70 -2.19
N MET A 280 -20.37 -1.15 -3.31
CA MET A 280 -19.07 -0.61 -3.71
C MET A 280 -19.16 0.87 -4.04
N LEU A 281 -20.21 1.28 -4.76
CA LEU A 281 -20.38 2.70 -5.06
C LEU A 281 -20.57 3.52 -3.79
N ALA A 282 -21.38 3.02 -2.86
CA ALA A 282 -21.60 3.74 -1.61
C ALA A 282 -20.30 3.87 -0.82
N LEU A 283 -19.51 2.79 -0.76
CA LEU A 283 -18.24 2.85 -0.05
C LEU A 283 -17.27 3.83 -0.72
N VAL A 284 -17.20 3.81 -2.05
CA VAL A 284 -16.30 4.72 -2.76
C VAL A 284 -16.69 6.18 -2.50
N TRP A 285 -17.98 6.48 -2.62
CA TRP A 285 -18.39 7.87 -2.45
C TRP A 285 -18.33 8.31 -0.98
N GLY A 286 -18.59 7.40 -0.04
CA GLY A 286 -18.41 7.74 1.36
C GLY A 286 -16.95 7.98 1.71
N GLY A 287 -16.04 7.21 1.13
CA GLY A 287 -14.63 7.48 1.31
C GLY A 287 -14.19 8.77 0.68
N ALA A 288 -14.74 9.09 -0.50
CA ALA A 288 -14.41 10.35 -1.15
C ALA A 288 -14.90 11.54 -0.32
N LEU A 289 -16.10 11.44 0.25
CA LEU A 289 -16.62 12.54 1.05
C LEU A 289 -15.94 12.64 2.41
N GLY A 290 -15.63 11.50 3.03
CA GLY A 290 -14.96 11.53 4.31
C GLY A 290 -13.49 11.89 4.23
N LEU A 291 -12.88 11.70 3.06
CA LEU A 291 -11.52 12.16 2.80
C LEU A 291 -11.50 13.44 1.98
N GLY A 292 -12.64 14.12 1.87
CA GLY A 292 -12.74 15.39 1.18
C GLY A 292 -13.49 16.42 1.99
N LEU A 293 -13.85 16.08 3.23
CA LEU A 293 -14.41 17.04 4.16
C LEU A 293 -13.40 17.50 5.20
N LEU A 294 -12.27 16.82 5.31
CA LEU A 294 -11.24 17.22 6.28
C LEU A 294 -10.70 18.62 6.03
N PRO A 295 -10.33 19.01 4.80
CA PRO A 295 -9.86 20.39 4.60
C PRO A 295 -10.91 21.44 4.94
N VAL A 296 -12.20 21.10 4.83
CA VAL A 296 -13.24 22.10 5.06
C VAL A 296 -13.23 22.56 6.51
N LEU A 297 -13.23 21.62 7.44
CA LEU A 297 -13.31 22.00 8.85
C LEU A 297 -12.25 21.34 9.72
N ALA A 298 -11.90 20.08 9.44
CA ALA A 298 -11.11 19.31 10.39
C ALA A 298 -9.61 19.59 10.27
N TRP A 299 -9.04 19.30 9.11
CA TRP A 299 -7.58 19.21 8.95
C TRP A 299 -7.12 20.17 7.86
N ASN A 300 -6.62 21.33 8.27
CA ASN A 300 -6.07 22.31 7.35
C ASN A 300 -5.06 23.16 8.11
N CYS A 301 -4.12 23.76 7.38
CA CYS A 301 -3.07 24.56 7.98
C CYS A 301 -3.39 26.06 7.96
N LEU A 302 -4.63 26.43 7.67
CA LEU A 302 -4.98 27.85 7.64
C LEU A 302 -4.81 28.51 9.01
N ASP A 303 -4.89 27.72 10.08
CA ASP A 303 -4.59 28.25 11.41
C ASP A 303 -3.13 28.60 11.57
N GLY A 304 -2.27 28.08 10.70
CA GLY A 304 -0.85 28.38 10.73
C GLY A 304 -0.04 27.57 11.72
N LEU A 305 -0.67 26.67 12.47
CA LEU A 305 0.01 25.87 13.49
C LEU A 305 -0.28 24.39 13.29
N THR A 306 -0.27 23.93 12.03
CA THR A 306 -0.60 22.54 11.75
C THR A 306 0.33 21.95 10.69
N THR A 307 1.62 22.29 10.77
CA THR A 307 2.69 21.71 9.94
C THR A 307 2.26 21.47 8.50
N CYS A 308 1.95 22.59 7.82
CA CYS A 308 1.33 22.54 6.50
C CYS A 308 2.14 21.71 5.52
N GLY A 309 1.43 21.01 4.64
CA GLY A 309 2.04 20.13 3.67
C GLY A 309 2.40 20.85 2.38
N VAL A 310 2.70 20.04 1.36
CA VAL A 310 3.15 20.58 0.08
C VAL A 310 2.03 21.36 -0.60
N VAL A 311 0.79 20.90 -0.46
CA VAL A 311 -0.36 21.63 -0.97
C VAL A 311 -0.82 22.62 0.09
N TYR A 312 -0.98 23.89 -0.31
CA TYR A 312 -1.21 24.95 0.68
C TYR A 312 -2.49 24.74 1.49
N PRO A 313 -3.66 24.52 0.90
CA PRO A 313 -4.84 24.28 1.74
C PRO A 313 -4.75 23.02 2.58
N LEU A 314 -4.10 21.97 2.09
CA LEU A 314 -4.10 20.68 2.76
C LEU A 314 -2.99 20.59 3.80
N SER A 315 -3.23 19.79 4.83
CA SER A 315 -2.24 19.53 5.87
C SER A 315 -1.33 18.40 5.45
N LYS A 316 -0.16 18.34 6.09
CA LYS A 316 0.79 17.27 5.77
C LYS A 316 0.28 15.91 6.23
N ASN A 317 -0.31 15.84 7.42
CA ASN A 317 -0.79 14.56 7.94
C ASN A 317 -1.93 14.02 7.09
N HIS A 318 -2.85 14.90 6.65
CA HIS A 318 -3.92 14.46 5.77
C HIS A 318 -3.39 13.94 4.44
N LEU A 319 -2.38 14.61 3.89
CA LEU A 319 -1.78 14.15 2.65
C LEU A 319 -1.10 12.80 2.84
N VAL A 320 -0.45 12.59 3.98
CA VAL A 320 0.20 11.30 4.23
C VAL A 320 -0.85 10.20 4.39
N VAL A 321 -1.98 10.52 5.02
CA VAL A 321 -3.06 9.55 5.11
C VAL A 321 -3.58 9.18 3.73
N LEU A 322 -3.74 10.19 2.86
CA LEU A 322 -4.16 9.92 1.49
C LEU A 322 -3.16 9.02 0.77
N ALA A 323 -1.86 9.28 0.96
CA ALA A 323 -0.85 8.45 0.31
C ALA A 323 -0.89 7.01 0.83
N ILE A 324 -1.10 6.85 2.14
CA ILE A 324 -1.21 5.51 2.71
C ILE A 324 -2.38 4.76 2.10
N ALA A 325 -3.54 5.42 2.02
CA ALA A 325 -4.71 4.79 1.43
C ALA A 325 -4.47 4.45 -0.04
N PHE A 326 -3.81 5.35 -0.77
CA PHE A 326 -3.55 5.07 -2.18
C PHE A 326 -2.62 3.88 -2.34
N PHE A 327 -1.62 3.74 -1.47
CA PHE A 327 -0.70 2.61 -1.61
C PHE A 327 -1.37 1.30 -1.21
N MET A 328 -2.27 1.34 -0.23
CA MET A 328 -3.07 0.15 0.04
C MET A 328 -3.91 -0.25 -1.17
N VAL A 329 -4.54 0.74 -1.81
CA VAL A 329 -5.33 0.48 -3.01
C VAL A 329 -4.44 -0.06 -4.13
N PHE A 330 -3.23 0.48 -4.26
CA PHE A 330 -2.31 0.02 -5.28
C PHE A 330 -1.89 -1.42 -5.05
N GLY A 331 -1.66 -1.80 -3.79
CA GLY A 331 -1.39 -3.21 -3.50
C GLY A 331 -2.56 -4.10 -3.85
N ILE A 332 -3.78 -3.66 -3.50
CA ILE A 332 -4.97 -4.43 -3.82
C ILE A 332 -5.09 -4.65 -5.32
N MET A 333 -4.89 -3.59 -6.10
CA MET A 333 -5.07 -3.65 -7.54
C MET A 333 -3.84 -4.19 -8.28
N LEU A 334 -2.70 -4.34 -7.60
CA LEU A 334 -1.63 -5.19 -8.07
C LEU A 334 -1.92 -6.67 -7.87
N GLN A 335 -2.55 -7.05 -6.76
CA GLN A 335 -2.98 -8.43 -6.62
C GLN A 335 -4.05 -8.78 -7.64
N LEU A 336 -5.02 -7.88 -7.83
CA LEU A 336 -6.11 -8.14 -8.78
C LEU A 336 -5.62 -8.27 -10.21
N TYR A 337 -4.70 -7.41 -10.66
CA TYR A 337 -4.11 -7.54 -11.98
C TYR A 337 -3.08 -8.66 -12.05
N ALA A 338 -2.74 -9.27 -10.92
CA ALA A 338 -1.90 -10.46 -10.92
C ALA A 338 -2.69 -11.75 -11.04
N GLN A 339 -3.92 -11.78 -10.54
CA GLN A 339 -4.74 -12.98 -10.69
C GLN A 339 -5.41 -13.04 -12.05
N ILE A 340 -5.81 -11.88 -12.59
CA ILE A 340 -6.41 -11.81 -13.93
C ILE A 340 -5.38 -12.30 -14.95
N CYS A 341 -4.10 -12.10 -14.65
CA CYS A 341 -3.03 -12.64 -15.47
C CYS A 341 -2.86 -14.14 -15.33
N ARG A 342 -3.46 -14.75 -14.30
CA ARG A 342 -3.38 -16.18 -14.07
C ARG A 342 -4.62 -16.93 -14.51
N ILE A 343 -5.81 -16.34 -14.36
CA ILE A 343 -7.05 -17.03 -14.73
C ILE A 343 -7.09 -17.31 -16.23
N VAL A 344 -6.71 -16.34 -17.05
CA VAL A 344 -6.74 -16.52 -18.50
C VAL A 344 -5.43 -17.13 -18.97
N CYS A 345 -4.61 -17.59 -18.02
CA CYS A 345 -3.35 -18.24 -18.36
C CYS A 345 -3.11 -19.45 -17.45
N ARG A 367 -2.85 -13.70 -25.65
CA ARG A 367 -1.73 -13.24 -24.85
C ARG A 367 -1.55 -11.74 -24.97
N LYS A 368 -2.13 -11.16 -26.04
CA LYS A 368 -2.05 -9.71 -26.22
C LYS A 368 -2.93 -8.97 -25.21
N GLY A 369 -4.01 -9.60 -24.76
CA GLY A 369 -4.84 -8.96 -23.75
C GLY A 369 -4.12 -8.75 -22.44
N ILE A 370 -3.25 -9.69 -22.07
CA ILE A 370 -2.45 -9.53 -20.86
C ILE A 370 -1.51 -8.34 -21.01
N ALA A 371 -0.88 -8.20 -22.18
CA ALA A 371 -0.02 -7.05 -22.41
C ALA A 371 -0.82 -5.75 -22.37
N THR A 372 -2.03 -5.75 -22.92
CA THR A 372 -2.86 -4.54 -22.91
C THR A 372 -3.25 -4.16 -21.48
N LEU A 373 -3.64 -5.13 -20.66
CA LEU A 373 -3.99 -4.80 -19.28
C LEU A 373 -2.76 -4.38 -18.48
N ALA A 374 -1.59 -4.95 -18.78
CA ALA A 374 -0.37 -4.48 -18.15
C ALA A 374 -0.07 -3.03 -18.54
N VAL A 375 -0.30 -2.68 -19.81
CA VAL A 375 -0.12 -1.31 -20.26
C VAL A 375 -1.09 -0.38 -19.56
N VAL A 376 -2.34 -0.81 -19.37
CA VAL A 376 -3.33 0.00 -18.68
C VAL A 376 -2.90 0.24 -17.23
N LEU A 377 -2.45 -0.81 -16.55
CA LEU A 377 -2.00 -0.66 -15.17
C LEU A 377 -0.78 0.24 -15.09
N GLY A 378 0.14 0.11 -16.04
CA GLY A 378 1.30 0.98 -16.05
C GLY A 378 0.94 2.43 -16.31
N ALA A 379 -0.04 2.67 -17.18
CA ALA A 379 -0.50 4.03 -17.41
C ALA A 379 -1.16 4.61 -16.17
N PHE A 380 -1.92 3.80 -15.44
CA PHE A 380 -2.49 4.28 -14.19
C PHE A 380 -1.40 4.58 -13.15
N ALA A 381 -0.39 3.72 -13.03
CA ALA A 381 0.63 3.89 -12.00
C ALA A 381 1.60 5.02 -12.31
N ALA A 382 2.04 5.15 -13.56
CA ALA A 382 3.01 6.19 -13.90
C ALA A 382 2.44 7.59 -13.75
N CYS A 383 1.12 7.71 -13.61
CA CYS A 383 0.48 9.01 -13.43
C CYS A 383 0.21 9.35 -11.97
N TRP A 384 0.03 8.35 -11.11
CA TRP A 384 -0.31 8.61 -9.72
C TRP A 384 0.83 8.37 -8.75
N LEU A 385 1.81 7.53 -9.10
CA LEU A 385 2.98 7.36 -8.24
C LEU A 385 3.77 8.65 -8.02
N PRO A 386 4.05 9.48 -9.06
CA PRO A 386 4.84 10.70 -8.81
C PRO A 386 4.31 11.57 -7.68
N PHE A 387 3.03 11.95 -7.75
CA PHE A 387 2.49 12.83 -6.71
C PHE A 387 2.40 12.11 -5.37
N THR A 388 1.95 10.86 -5.36
CA THR A 388 1.77 10.14 -4.10
C THR A 388 3.09 9.76 -3.45
N VAL A 389 4.20 9.87 -4.17
CA VAL A 389 5.53 9.70 -3.59
C VAL A 389 6.13 11.04 -3.17
N TYR A 390 5.96 12.08 -3.99
CA TYR A 390 6.41 13.40 -3.60
C TYR A 390 5.68 13.90 -2.35
N CYS A 391 4.45 13.41 -2.14
CA CYS A 391 3.71 13.77 -0.93
C CYS A 391 4.45 13.33 0.33
N LEU A 392 5.24 12.25 0.24
CA LEU A 392 6.03 11.77 1.36
C LEU A 392 7.48 12.23 1.32
N LEU A 393 8.02 12.50 0.13
CA LEU A 393 9.40 12.95 -0.03
C LEU A 393 9.49 14.47 -0.16
N GLY A 394 8.40 15.19 0.04
CA GLY A 394 8.37 16.63 -0.15
C GLY A 394 8.15 17.38 1.15
N ASP A 395 8.66 18.60 1.20
CA ASP A 395 8.54 19.47 2.37
C ASP A 395 7.71 20.69 2.03
N ALA A 396 7.28 21.40 3.08
CA ALA A 396 6.48 22.60 2.88
C ALA A 396 7.28 23.69 2.17
N HIS A 397 8.59 23.74 2.37
CA HIS A 397 9.44 24.75 1.76
C HIS A 397 9.98 24.33 0.40
N SER A 398 9.54 23.18 -0.12
CA SER A 398 9.99 22.73 -1.43
C SER A 398 9.47 23.66 -2.52
N PRO A 399 10.17 23.75 -3.64
CA PRO A 399 9.76 24.67 -4.71
C PRO A 399 8.37 24.34 -5.21
N PRO A 400 7.58 25.36 -5.56
CA PRO A 400 6.23 25.10 -6.08
C PRO A 400 6.22 24.40 -7.42
N LEU A 401 7.32 24.40 -8.17
CA LEU A 401 7.36 23.72 -9.45
C LEU A 401 7.11 22.23 -9.31
N TYR A 402 7.59 21.62 -8.23
CA TYR A 402 7.42 20.19 -8.04
C TYR A 402 5.95 19.82 -7.91
N THR A 403 5.16 20.64 -7.22
CA THR A 403 3.74 20.34 -7.06
C THR A 403 3.04 20.25 -8.41
N TYR A 404 3.29 21.21 -9.29
CA TYR A 404 2.69 21.17 -10.62
C TYR A 404 3.23 20.01 -11.44
N LEU A 405 4.55 19.79 -11.40
CA LEU A 405 5.14 18.73 -12.20
C LEU A 405 4.68 17.34 -11.76
N THR A 406 4.28 17.18 -10.51
CA THR A 406 3.78 15.89 -10.05
C THR A 406 2.26 15.78 -10.08
N LEU A 407 1.54 16.91 -10.13
CA LEU A 407 0.09 16.87 -10.21
C LEU A 407 -0.43 16.84 -11.64
N LEU A 408 0.35 17.34 -12.60
CA LEU A 408 -0.08 17.27 -14.00
C LEU A 408 -0.31 15.83 -14.48
N PRO A 409 0.53 14.84 -14.16
CA PRO A 409 0.19 13.46 -14.55
C PRO A 409 -1.13 12.96 -14.00
N ALA A 410 -1.56 13.42 -12.82
CA ALA A 410 -2.86 13.01 -12.32
C ALA A 410 -3.99 13.51 -13.22
N THR A 411 -3.89 14.76 -13.67
CA THR A 411 -4.87 15.29 -14.61
C THR A 411 -4.81 14.54 -15.93
N TYR A 412 -3.60 14.18 -16.39
CA TYR A 412 -3.50 13.38 -17.61
C TYR A 412 -4.17 12.02 -17.44
N ASN A 413 -4.03 11.41 -16.26
CA ASN A 413 -4.69 10.14 -15.99
C ASN A 413 -6.21 10.29 -16.03
N SER A 414 -6.72 11.35 -15.40
CA SER A 414 -8.16 11.59 -15.46
C SER A 414 -8.62 11.87 -16.88
N MET A 415 -7.73 12.42 -17.71
CA MET A 415 -8.05 12.66 -19.12
C MET A 415 -8.14 11.35 -19.89
N ILE A 416 -7.18 10.45 -19.68
CA ILE A 416 -7.12 9.22 -20.47
C ILE A 416 -8.05 8.13 -19.95
N ASN A 417 -8.54 8.24 -18.72
CA ASN A 417 -9.43 7.20 -18.19
C ASN A 417 -10.69 6.99 -19.01
N PRO A 418 -11.43 8.03 -19.44
CA PRO A 418 -12.60 7.75 -20.29
C PRO A 418 -12.26 7.06 -21.59
N ILE A 419 -11.11 7.35 -22.19
CA ILE A 419 -10.74 6.71 -23.46
C ILE A 419 -10.57 5.21 -23.27
N ILE A 420 -9.87 4.81 -22.20
CA ILE A 420 -9.67 3.39 -21.95
C ILE A 420 -10.95 2.71 -21.50
N TYR A 421 -11.73 3.37 -20.64
CA TYR A 421 -12.82 2.69 -19.93
C TYR A 421 -14.20 2.96 -20.51
N ALA A 422 -14.37 3.99 -21.33
CA ALA A 422 -15.70 4.33 -21.83
C ALA A 422 -15.80 4.29 -23.34
N PHE A 423 -14.80 4.78 -24.06
CA PHE A 423 -14.82 4.77 -25.52
C PHE A 423 -14.27 3.48 -26.12
N ARG A 424 -13.88 2.52 -25.29
CA ARG A 424 -13.47 1.21 -25.77
C ARG A 424 -14.62 0.22 -25.85
N ASN A 425 -15.80 0.59 -25.36
CA ASN A 425 -16.96 -0.28 -25.42
C ASN A 425 -17.63 -0.17 -26.79
N GLN A 426 -18.16 -1.30 -27.27
CA GLN A 426 -18.79 -1.33 -28.59
C GLN A 426 -20.09 -0.53 -28.60
N ASP A 427 -20.87 -0.61 -27.52
CA ASP A 427 -22.15 0.12 -27.47
C ASP A 427 -21.94 1.62 -27.49
N VAL A 428 -20.94 2.11 -26.74
CA VAL A 428 -20.66 3.55 -26.74
C VAL A 428 -20.19 4.01 -28.11
N GLN A 429 -19.35 3.21 -28.77
CA GLN A 429 -18.92 3.56 -30.12
C GLN A 429 -20.10 3.57 -31.10
N LYS A 430 -21.03 2.63 -30.93
CA LYS A 430 -22.23 2.62 -31.77
C LYS A 430 -23.07 3.86 -31.54
N VAL A 431 -23.20 4.28 -30.28
CA VAL A 431 -23.93 5.52 -29.98
C VAL A 431 -23.23 6.72 -30.62
N LEU A 432 -21.89 6.71 -30.60
CA LEU A 432 -21.14 7.76 -31.29
C LEU A 432 -21.43 7.76 -32.79
N TRP A 433 -21.50 6.58 -33.40
CA TRP A 433 -21.79 6.49 -34.83
C TRP A 433 -23.20 6.98 -35.16
N ALA A 434 -24.08 7.04 -34.16
CA ALA A 434 -25.44 7.52 -34.39
C ALA A 434 -25.62 8.94 -33.86
N PRO B 160 28.88 -0.03 29.48
CA PRO B 160 29.82 0.64 30.38
C PRO B 160 29.65 2.16 30.38
N LEU B 161 30.08 2.81 29.30
CA LEU B 161 29.99 4.26 29.18
C LEU B 161 28.57 4.72 28.86
N PRO B 162 27.89 4.15 27.85
CA PRO B 162 26.55 4.66 27.52
C PRO B 162 25.53 4.54 28.66
N SER B 163 25.67 3.54 29.54
CA SER B 163 24.77 3.37 30.67
C SER B 163 23.32 3.22 30.19
N PRO B 164 22.97 2.06 29.62
CA PRO B 164 21.66 1.91 28.97
C PRO B 164 20.47 2.21 29.86
N LYS B 165 19.34 2.54 29.24
CA LYS B 165 18.12 2.93 29.92
C LYS B 165 17.20 1.71 30.11
N ALA B 166 16.08 1.95 30.77
CA ALA B 166 15.13 0.88 31.06
C ALA B 166 14.38 0.41 29.81
N TRP B 167 14.36 1.21 28.75
CA TRP B 167 13.63 0.87 27.53
C TRP B 167 14.49 0.07 26.56
N ASP B 168 15.71 -0.32 26.94
CA ASP B 168 16.57 -1.12 26.08
C ASP B 168 16.78 -2.54 26.57
N VAL B 169 16.79 -2.76 27.89
CA VAL B 169 16.82 -4.13 28.39
C VAL B 169 15.55 -4.86 27.97
N VAL B 170 14.43 -4.14 27.85
CA VAL B 170 13.20 -4.75 27.36
C VAL B 170 13.39 -5.25 25.93
N LEU B 171 14.01 -4.41 25.08
CA LEU B 171 14.27 -4.83 23.71
C LEU B 171 15.23 -6.00 23.66
N CYS B 172 16.25 -6.00 24.52
CA CYS B 172 17.21 -7.10 24.54
C CYS B 172 16.55 -8.42 24.95
N ILE B 173 15.71 -8.39 25.99
CA ILE B 173 15.06 -9.62 26.42
C ILE B 173 14.03 -10.08 25.40
N SER B 174 13.35 -9.14 24.74
CA SER B 174 12.41 -9.52 23.68
C SER B 174 13.16 -10.19 22.53
N GLY B 175 14.33 -9.65 22.16
CA GLY B 175 15.14 -10.29 21.15
C GLY B 175 15.59 -11.67 21.57
N THR B 176 15.94 -11.84 22.85
CA THR B 176 16.33 -13.15 23.35
C THR B 176 15.19 -14.15 23.24
N LEU B 177 13.98 -13.75 23.64
CA LEU B 177 12.83 -14.65 23.56
C LEU B 177 12.52 -15.02 22.11
N VAL B 178 12.55 -14.04 21.20
CA VAL B 178 12.30 -14.32 19.80
C VAL B 178 13.34 -15.28 19.25
N SER B 179 14.61 -15.03 19.58
CA SER B 179 15.68 -15.91 19.11
C SER B 179 15.50 -17.33 19.62
N CYS B 180 15.15 -17.49 20.90
CA CYS B 180 14.98 -18.83 21.44
C CYS B 180 13.83 -19.56 20.75
N GLU B 181 12.68 -18.89 20.61
CA GLU B 181 11.53 -19.55 20.01
C GLU B 181 11.80 -19.94 18.56
N ASN B 182 12.38 -19.03 17.78
CA ASN B 182 12.60 -19.34 16.37
C ASN B 182 13.76 -20.31 16.19
N ALA B 183 14.73 -20.33 17.11
CA ALA B 183 15.75 -21.37 17.07
C ALA B 183 15.14 -22.74 17.31
N LEU B 184 14.20 -22.83 18.26
CA LEU B 184 13.51 -24.10 18.47
C LEU B 184 12.75 -24.52 17.21
N VAL B 185 12.04 -23.57 16.58
CA VAL B 185 11.27 -23.89 15.39
C VAL B 185 12.18 -24.36 14.26
N VAL B 186 13.28 -23.65 14.03
CA VAL B 186 14.21 -24.03 12.96
C VAL B 186 14.84 -25.38 13.25
N ALA B 187 15.18 -25.64 14.52
CA ALA B 187 15.75 -26.94 14.87
C ALA B 187 14.76 -28.06 14.59
N ILE B 188 13.49 -27.86 14.94
CA ILE B 188 12.48 -28.87 14.64
C ILE B 188 12.36 -29.08 13.13
N ILE B 189 12.35 -27.99 12.37
CA ILE B 189 12.16 -28.09 10.93
C ILE B 189 13.33 -28.84 10.28
N VAL B 190 14.56 -28.50 10.66
CA VAL B 190 15.71 -29.02 9.94
C VAL B 190 16.12 -30.39 10.46
N GLY B 191 15.81 -30.68 11.72
CA GLY B 191 16.23 -31.95 12.29
C GLY B 191 15.56 -33.14 11.62
N THR B 192 14.25 -33.05 11.42
CA THR B 192 13.52 -34.14 10.79
C THR B 192 13.66 -34.05 9.27
N PRO B 193 14.15 -35.09 8.60
CA PRO B 193 14.30 -35.02 7.13
C PRO B 193 12.99 -35.13 6.37
N ALA B 194 11.86 -35.30 7.05
CA ALA B 194 10.59 -35.41 6.35
C ALA B 194 10.12 -34.06 5.84
N PHE B 195 10.42 -32.99 6.55
CA PHE B 195 9.95 -31.65 6.20
C PHE B 195 10.74 -31.13 5.00
N ARG B 196 10.26 -31.44 3.80
CA ARG B 196 10.83 -30.88 2.59
C ARG B 196 9.76 -30.26 1.69
N ALA B 197 8.52 -30.16 2.15
CA ALA B 197 7.47 -29.56 1.36
C ALA B 197 7.70 -28.05 1.23
N PRO B 198 7.22 -27.44 0.14
CA PRO B 198 7.39 -25.98 -0.01
C PRO B 198 6.76 -25.17 1.11
N MET B 199 5.64 -25.63 1.68
CA MET B 199 5.05 -24.91 2.80
C MET B 199 5.99 -24.92 4.00
N PHE B 200 6.60 -26.06 4.29
CA PHE B 200 7.57 -26.11 5.38
C PHE B 200 8.82 -25.31 5.05
N LEU B 201 9.19 -25.22 3.76
CA LEU B 201 10.30 -24.36 3.38
C LEU B 201 9.98 -22.89 3.67
N LEU B 202 8.77 -22.45 3.35
CA LEU B 202 8.38 -21.07 3.64
C LEU B 202 8.34 -20.81 5.15
N VAL B 203 7.81 -21.77 5.92
CA VAL B 203 7.81 -21.62 7.38
C VAL B 203 9.23 -21.55 7.90
N GLY B 204 10.13 -22.37 7.36
CA GLY B 204 11.53 -22.32 7.77
C GLY B 204 12.19 -21.01 7.43
N SER B 205 11.87 -20.44 6.26
CA SER B 205 12.41 -19.14 5.89
C SER B 205 11.93 -18.05 6.84
N LEU B 206 10.63 -18.07 7.17
CA LEU B 206 10.11 -17.09 8.13
C LEU B 206 10.79 -17.25 9.49
N ALA B 207 10.96 -18.50 9.94
CA ALA B 207 11.61 -18.73 11.22
C ALA B 207 13.06 -18.27 11.22
N VAL B 208 13.78 -18.51 10.12
CA VAL B 208 15.15 -18.04 10.01
C VAL B 208 15.22 -16.52 10.04
N ALA B 209 14.30 -15.85 9.33
CA ALA B 209 14.29 -14.39 9.35
C ALA B 209 14.03 -13.87 10.76
N ASP B 210 13.08 -14.46 11.47
CA ASP B 210 12.79 -13.98 12.83
C ASP B 210 13.94 -14.28 13.78
N LEU B 211 14.59 -15.43 13.62
CA LEU B 211 15.76 -15.73 14.44
C LEU B 211 16.89 -14.75 14.18
N LEU B 212 17.09 -14.39 12.91
CA LEU B 212 18.09 -13.37 12.59
C LEU B 212 17.74 -12.03 13.24
N ALA B 213 16.46 -11.66 13.21
CA ALA B 213 16.05 -10.41 13.87
C ALA B 213 16.34 -10.45 15.36
N GLY B 214 16.01 -11.55 16.04
CA GLY B 214 16.25 -11.63 17.47
C GLY B 214 17.72 -11.60 17.82
N LEU B 215 18.52 -12.39 17.10
CA LEU B 215 19.96 -12.39 17.34
C LEU B 215 20.56 -11.02 17.04
N GLY B 216 20.06 -10.35 16.01
CA GLY B 216 20.53 -9.00 15.72
C GLY B 216 20.18 -8.02 16.81
N LEU B 217 18.99 -8.14 17.39
CA LEU B 217 18.62 -7.28 18.51
C LEU B 217 19.58 -7.48 19.68
N VAL B 218 19.85 -8.74 20.03
CA VAL B 218 20.73 -9.01 21.16
C VAL B 218 22.14 -8.49 20.88
N LEU B 219 22.66 -8.77 19.68
CA LEU B 219 24.01 -8.33 19.34
C LEU B 219 24.10 -6.82 19.23
N HIS B 220 23.02 -6.16 18.79
CA HIS B 220 23.01 -4.70 18.73
C HIS B 220 23.07 -4.09 20.12
N PHE B 221 22.26 -4.62 21.05
CA PHE B 221 22.35 -4.14 22.41
C PHE B 221 23.75 -4.33 22.97
N ALA B 222 24.32 -5.53 22.78
CA ALA B 222 25.64 -5.81 23.33
C ALA B 222 26.71 -4.91 22.70
N ALA B 223 26.61 -4.66 21.39
CA ALA B 223 27.64 -3.93 20.67
C ALA B 223 27.46 -2.43 20.71
N VAL B 224 26.34 -1.93 21.24
CA VAL B 224 26.19 -0.48 21.35
C VAL B 224 26.38 -0.07 22.80
N PHE B 225 25.94 -0.91 23.74
CA PHE B 225 25.93 -0.56 25.15
C PHE B 225 26.99 -1.26 25.99
N CYS B 226 27.63 -2.31 25.49
CA CYS B 226 28.64 -3.02 26.26
C CYS B 226 30.02 -2.96 25.63
N ILE B 227 30.12 -3.09 24.32
CA ILE B 227 31.40 -2.98 23.60
C ILE B 227 31.19 -1.98 22.47
N GLY B 228 31.54 -0.72 22.72
CA GLY B 228 31.29 0.35 21.77
C GLY B 228 31.93 0.18 20.41
N SER B 229 31.13 0.25 19.36
CA SER B 229 31.63 0.16 17.99
C SER B 229 30.57 0.72 17.05
N ALA B 230 30.91 1.81 16.36
CA ALA B 230 29.94 2.45 15.48
C ALA B 230 29.69 1.61 14.23
N GLU B 231 30.77 1.10 13.61
CA GLU B 231 30.62 0.30 12.40
C GLU B 231 29.85 -0.98 12.68
N MET B 232 30.16 -1.64 13.80
CA MET B 232 29.44 -2.86 14.17
C MET B 232 27.96 -2.56 14.41
N SER B 233 27.67 -1.43 15.08
CA SER B 233 26.29 -1.06 15.32
C SER B 233 25.55 -0.81 14.01
N LEU B 234 26.19 -0.11 13.07
CA LEU B 234 25.54 0.16 11.79
C LEU B 234 25.28 -1.13 11.03
N VAL B 235 26.26 -2.04 11.01
CA VAL B 235 26.08 -3.31 10.32
C VAL B 235 24.94 -4.11 10.94
N LEU B 236 24.88 -4.13 12.28
CA LEU B 236 23.81 -4.88 12.93
C LEU B 236 22.44 -4.24 12.69
N VAL B 237 22.37 -2.90 12.63
CA VAL B 237 21.10 -2.26 12.30
C VAL B 237 20.66 -2.63 10.89
N GLY B 238 21.61 -2.67 9.96
CA GLY B 238 21.29 -3.17 8.62
C GLY B 238 20.79 -4.60 8.64
N VAL B 239 21.38 -5.43 9.49
CA VAL B 239 20.95 -6.83 9.61
C VAL B 239 19.53 -6.90 10.15
N LEU B 240 19.18 -6.08 11.15
CA LEU B 240 17.80 -6.04 11.63
C LEU B 240 16.84 -5.62 10.53
N ALA B 241 17.21 -4.61 9.74
CA ALA B 241 16.34 -4.19 8.65
C ALA B 241 16.13 -5.32 7.65
N MET B 242 17.21 -6.03 7.30
CA MET B 242 17.11 -7.15 6.38
C MET B 242 16.22 -8.25 6.95
N ALA B 243 16.38 -8.55 8.23
CA ALA B 243 15.58 -9.61 8.85
C ALA B 243 14.11 -9.25 8.88
N PHE B 244 13.78 -8.00 9.19
CA PHE B 244 12.37 -7.60 9.19
C PHE B 244 11.78 -7.64 7.79
N THR B 245 12.53 -7.18 6.79
CA THR B 245 12.05 -7.25 5.42
C THR B 245 11.83 -8.70 4.99
N ALA B 246 12.76 -9.59 5.34
CA ALA B 246 12.60 -10.99 5.01
C ALA B 246 11.41 -11.61 5.73
N SER B 247 11.15 -11.20 6.98
CA SER B 247 9.98 -11.70 7.69
C SER B 247 8.69 -11.29 6.99
N ILE B 248 8.61 -10.02 6.57
CA ILE B 248 7.41 -9.57 5.86
C ILE B 248 7.25 -10.33 4.54
N GLY B 249 8.34 -10.50 3.81
CA GLY B 249 8.27 -11.22 2.55
C GLY B 249 7.86 -12.67 2.73
N SER B 250 8.37 -13.32 3.79
CA SER B 250 7.99 -14.70 4.05
C SER B 250 6.54 -14.82 4.46
N LEU B 251 6.03 -13.86 5.23
CA LEU B 251 4.60 -13.84 5.53
C LEU B 251 3.77 -13.72 4.26
N LEU B 252 4.16 -12.83 3.35
CA LEU B 252 3.44 -12.69 2.10
C LEU B 252 3.50 -13.97 1.28
N ALA B 253 4.67 -14.60 1.23
CA ALA B 253 4.80 -15.85 0.47
C ALA B 253 3.93 -16.96 1.06
N ILE B 254 3.90 -17.06 2.40
CA ILE B 254 3.04 -18.05 3.03
C ILE B 254 1.58 -17.79 2.70
N THR B 255 1.16 -16.52 2.75
CA THR B 255 -0.23 -16.19 2.44
C THR B 255 -0.58 -16.56 1.01
N VAL B 256 0.27 -16.20 0.04
CA VAL B 256 -0.06 -16.50 -1.35
C VAL B 256 -0.02 -18.01 -1.60
N ASP B 257 0.89 -18.74 -0.94
CA ASP B 257 0.93 -20.18 -1.14
C ASP B 257 -0.30 -20.86 -0.56
N ARG B 258 -0.76 -20.37 0.60
CA ARG B 258 -1.98 -20.93 1.22
C ARG B 258 -3.20 -20.63 0.35
N TYR B 259 -3.27 -19.41 -0.22
CA TYR B 259 -4.38 -19.07 -1.10
C TYR B 259 -4.39 -19.93 -2.35
N LEU B 260 -3.21 -20.14 -2.96
CA LEU B 260 -3.13 -20.98 -4.14
C LEU B 260 -3.43 -22.44 -3.81
N SER B 261 -3.04 -22.92 -2.63
CA SER B 261 -3.41 -24.26 -2.23
C SER B 261 -4.92 -24.41 -2.12
N LEU B 262 -5.60 -23.45 -1.50
CA LEU B 262 -7.06 -23.49 -1.45
C LEU B 262 -7.66 -23.45 -2.85
N TYR B 263 -7.12 -22.59 -3.71
CA TYR B 263 -7.62 -22.44 -5.08
C TYR B 263 -7.53 -23.76 -5.85
N ASN B 264 -6.37 -24.41 -5.78
CA ASN B 264 -6.18 -25.66 -6.51
C ASN B 264 -6.92 -26.81 -5.83
N ALA B 265 -7.20 -26.69 -4.54
CA ALA B 265 -7.96 -27.74 -3.84
C ALA B 265 -9.44 -27.70 -4.18
N LEU B 266 -10.05 -26.51 -4.21
CA LEU B 266 -11.47 -26.38 -4.52
C LEU B 266 -11.72 -26.23 -6.02
N THR B 267 -10.66 -26.24 -6.83
CA THR B 267 -10.73 -26.47 -8.26
C THR B 267 -10.09 -27.85 -8.50
N TYR B 268 -9.94 -28.24 -9.77
CA TYR B 268 -9.40 -29.54 -10.09
C TYR B 268 -8.23 -29.40 -11.06
N TYR B 269 -7.32 -28.48 -10.74
CA TYR B 269 -6.07 -28.32 -11.47
C TYR B 269 -4.92 -28.40 -10.47
N SER B 270 -3.95 -29.27 -10.77
CA SER B 270 -2.82 -29.51 -9.89
C SER B 270 -1.53 -29.42 -10.69
N GLU B 271 -0.52 -28.78 -10.10
CA GLU B 271 0.79 -28.63 -10.72
C GLU B 271 1.87 -28.79 -9.67
N THR B 272 3.08 -29.12 -10.13
CA THR B 272 4.22 -29.27 -9.23
C THR B 272 4.71 -27.90 -8.78
N THR B 273 4.39 -27.52 -7.54
CA THR B 273 4.79 -26.23 -6.98
C THR B 273 6.15 -26.29 -6.30
N VAL B 274 7.17 -26.80 -7.00
CA VAL B 274 8.51 -26.91 -6.47
C VAL B 274 9.43 -25.89 -7.14
N THR B 275 8.95 -25.20 -8.17
CA THR B 275 9.75 -24.18 -8.84
C THR B 275 9.15 -22.78 -8.65
N ARG B 276 7.88 -22.68 -8.23
CA ARG B 276 7.30 -21.40 -7.89
C ARG B 276 7.61 -20.97 -6.46
N THR B 277 7.79 -21.91 -5.54
CA THR B 277 8.20 -21.58 -4.18
C THR B 277 9.64 -21.11 -4.14
N TYR B 278 10.51 -21.72 -4.95
CA TYR B 278 11.91 -21.29 -4.99
C TYR B 278 12.02 -19.86 -5.51
N VAL B 279 11.23 -19.50 -6.52
CA VAL B 279 11.24 -18.14 -7.03
C VAL B 279 10.77 -17.15 -5.96
N MET B 280 9.72 -17.50 -5.23
CA MET B 280 9.23 -16.61 -4.18
C MET B 280 10.27 -16.44 -3.08
N LEU B 281 10.92 -17.53 -2.67
CA LEU B 281 11.97 -17.43 -1.66
C LEU B 281 13.14 -16.60 -2.15
N ALA B 282 13.54 -16.76 -3.41
CA ALA B 282 14.61 -15.96 -3.96
C ALA B 282 14.23 -14.48 -3.99
N LEU B 283 12.99 -14.18 -4.37
CA LEU B 283 12.55 -12.78 -4.38
C LEU B 283 12.55 -12.20 -2.97
N VAL B 284 12.06 -12.96 -1.98
CA VAL B 284 12.03 -12.46 -0.61
C VAL B 284 13.43 -12.21 -0.08
N TRP B 285 14.33 -13.18 -0.27
CA TRP B 285 15.68 -13.07 0.27
C TRP B 285 16.60 -12.24 -0.62
N GLY B 286 16.12 -11.77 -1.77
CA GLY B 286 16.86 -10.80 -2.55
C GLY B 286 16.37 -9.39 -2.26
N GLY B 287 15.08 -9.26 -1.91
CA GLY B 287 14.57 -7.97 -1.48
C GLY B 287 14.93 -7.63 -0.05
N ALA B 288 15.15 -8.64 0.79
CA ALA B 288 15.65 -8.38 2.13
C ALA B 288 17.06 -7.82 2.08
N LEU B 289 17.91 -8.36 1.20
CA LEU B 289 19.26 -7.83 1.03
C LEU B 289 19.26 -6.54 0.23
N GLY B 290 18.37 -6.41 -0.75
CA GLY B 290 18.28 -5.17 -1.50
C GLY B 290 17.78 -4.01 -0.69
N LEU B 291 16.91 -4.27 0.29
CA LEU B 291 16.41 -3.25 1.20
C LEU B 291 17.10 -3.29 2.56
N GLY B 292 18.19 -4.04 2.68
CA GLY B 292 18.98 -4.09 3.90
C GLY B 292 20.44 -3.84 3.62
N LEU B 293 20.75 -3.40 2.40
CA LEU B 293 22.10 -3.02 2.01
C LEU B 293 22.28 -1.51 1.95
N LEU B 294 21.20 -0.74 1.97
CA LEU B 294 21.31 0.71 1.87
C LEU B 294 22.12 1.32 3.02
N PRO B 295 21.91 0.94 4.29
CA PRO B 295 22.75 1.53 5.36
C PRO B 295 24.23 1.24 5.19
N VAL B 296 24.59 0.17 4.50
CA VAL B 296 25.99 -0.18 4.29
C VAL B 296 26.40 0.40 2.94
N LEU B 297 25.64 1.37 2.45
CA LEU B 297 25.84 1.93 1.12
C LEU B 297 25.67 3.45 1.22
N ALA B 298 25.54 4.10 0.07
CA ALA B 298 25.52 5.56 0.04
C ALA B 298 24.35 6.14 0.81
N TRP B 299 23.28 5.37 0.99
CA TRP B 299 22.08 5.86 1.69
C TRP B 299 22.26 5.72 3.20
N ASN B 300 23.37 6.28 3.69
CA ASN B 300 23.72 6.24 5.09
C ASN B 300 23.69 7.66 5.63
N CYS B 301 23.06 7.85 6.79
CA CYS B 301 22.82 9.17 7.33
C CYS B 301 23.88 9.62 8.34
N LEU B 302 24.74 8.72 8.81
CA LEU B 302 25.74 9.11 9.80
C LEU B 302 26.82 10.02 9.22
N ASP B 303 26.88 10.17 7.90
CA ASP B 303 27.83 11.07 7.28
C ASP B 303 27.34 12.51 7.24
N GLY B 304 26.10 12.77 7.69
CA GLY B 304 25.55 14.10 7.68
C GLY B 304 24.94 14.48 6.34
N LEU B 305 24.22 15.60 6.35
CA LEU B 305 23.56 16.13 5.16
C LEU B 305 22.63 15.10 4.51
N THR B 306 21.91 14.35 5.34
CA THR B 306 21.03 13.30 4.83
C THR B 306 19.69 13.25 5.57
N THR B 307 19.34 14.28 6.34
CA THR B 307 18.06 14.43 7.05
C THR B 307 17.61 13.11 7.68
N CYS B 308 18.38 12.69 8.68
CA CYS B 308 18.18 11.43 9.37
C CYS B 308 16.72 11.21 9.73
N GLY B 309 16.28 9.96 9.58
CA GLY B 309 14.93 9.58 9.93
C GLY B 309 14.77 9.37 11.42
N VAL B 310 13.64 8.73 11.78
CA VAL B 310 13.35 8.48 13.19
C VAL B 310 14.37 7.53 13.79
N VAL B 311 14.97 6.67 12.98
CA VAL B 311 16.07 5.81 13.41
C VAL B 311 17.37 6.48 13.00
N TYR B 312 18.31 6.58 13.96
CA TYR B 312 19.50 7.39 13.72
C TYR B 312 20.35 6.89 12.56
N PRO B 313 20.75 5.61 12.50
CA PRO B 313 21.56 5.18 11.34
C PRO B 313 20.81 5.23 10.02
N LEU B 314 19.51 4.94 10.03
CA LEU B 314 18.73 4.91 8.80
C LEU B 314 18.35 6.30 8.35
N SER B 315 18.27 6.50 7.04
CA SER B 315 17.86 7.78 6.49
C SER B 315 16.34 7.94 6.64
N LYS B 316 15.84 9.06 6.12
CA LYS B 316 14.39 9.29 6.09
C LYS B 316 13.75 8.77 4.82
N ASN B 317 14.41 9.00 3.67
CA ASN B 317 13.90 8.48 2.41
C ASN B 317 13.88 6.96 2.41
N HIS B 318 14.88 6.34 3.02
CA HIS B 318 14.91 4.88 3.12
C HIS B 318 13.72 4.37 3.93
N LEU B 319 13.42 5.04 5.05
CA LEU B 319 12.28 4.63 5.86
C LEU B 319 10.97 4.83 5.11
N VAL B 320 10.87 5.92 4.34
CA VAL B 320 9.65 6.14 3.56
C VAL B 320 9.49 5.07 2.48
N VAL B 321 10.60 4.67 1.85
CA VAL B 321 10.54 3.60 0.85
C VAL B 321 10.10 2.30 1.50
N LEU B 322 10.63 2.00 2.69
CA LEU B 322 10.22 0.79 3.41
C LEU B 322 8.73 0.85 3.73
N ALA B 323 8.23 2.00 4.17
CA ALA B 323 6.81 2.12 4.47
C ALA B 323 5.95 1.95 3.22
N ILE B 324 6.40 2.50 2.09
CA ILE B 324 5.67 2.35 0.83
C ILE B 324 5.58 0.88 0.45
N ALA B 325 6.71 0.17 0.53
CA ALA B 325 6.70 -1.25 0.21
C ALA B 325 5.81 -2.03 1.16
N PHE B 326 5.85 -1.69 2.45
CA PHE B 326 5.01 -2.40 3.41
C PHE B 326 3.53 -2.18 3.12
N PHE B 327 3.16 -0.97 2.74
CA PHE B 327 1.75 -0.71 2.48
C PHE B 327 1.29 -1.37 1.18
N MET B 328 2.17 -1.47 0.18
CA MET B 328 1.83 -2.26 -0.99
C MET B 328 1.60 -3.72 -0.61
N VAL B 329 2.47 -4.27 0.24
CA VAL B 329 2.32 -5.65 0.69
C VAL B 329 1.03 -5.81 1.49
N PHE B 330 0.71 -4.80 2.31
CA PHE B 330 -0.52 -4.87 3.10
C PHE B 330 -1.75 -4.85 2.21
N GLY B 331 -1.75 -4.04 1.15
CA GLY B 331 -2.85 -4.09 0.20
C GLY B 331 -2.96 -5.44 -0.48
N ILE B 332 -1.83 -6.00 -0.89
CA ILE B 332 -1.84 -7.31 -1.53
C ILE B 332 -2.45 -8.35 -0.59
N MET B 333 -2.03 -8.36 0.66
CA MET B 333 -2.47 -9.39 1.58
C MET B 333 -3.85 -9.09 2.19
N LEU B 334 -4.36 -7.86 2.03
CA LEU B 334 -5.77 -7.58 2.24
C LEU B 334 -6.65 -8.10 1.12
N GLN B 335 -6.20 -8.01 -0.13
CA GLN B 335 -6.94 -8.68 -1.21
C GLN B 335 -6.93 -10.18 -1.03
N LEU B 336 -5.79 -10.75 -0.64
CA LEU B 336 -5.68 -12.20 -0.46
C LEU B 336 -6.56 -12.71 0.68
N TYR B 337 -6.61 -12.00 1.81
CA TYR B 337 -7.44 -12.42 2.93
C TYR B 337 -8.91 -12.11 2.72
N ALA B 338 -9.28 -11.41 1.64
CA ALA B 338 -10.66 -11.29 1.23
C ALA B 338 -11.08 -12.37 0.27
N GLN B 339 -10.20 -12.76 -0.66
CA GLN B 339 -10.51 -13.84 -1.58
C GLN B 339 -10.62 -15.18 -0.85
N ILE B 340 -9.75 -15.42 0.12
CA ILE B 340 -9.79 -16.63 0.93
C ILE B 340 -11.09 -16.64 1.73
N CYS B 341 -11.54 -15.46 2.16
CA CYS B 341 -12.82 -15.32 2.81
C CYS B 341 -13.99 -15.53 1.86
N ARG B 342 -13.79 -15.33 0.56
CA ARG B 342 -14.83 -15.60 -0.42
C ARG B 342 -14.80 -17.03 -0.95
N ILE B 343 -13.63 -17.58 -1.26
CA ILE B 343 -13.54 -18.93 -1.79
C ILE B 343 -14.00 -19.95 -0.76
N VAL B 344 -13.54 -19.82 0.49
CA VAL B 344 -13.89 -20.80 1.51
C VAL B 344 -15.37 -20.73 1.84
N CYS B 345 -15.96 -19.54 1.84
CA CYS B 345 -17.38 -19.39 2.11
C CYS B 345 -18.15 -19.05 0.84
N ARG B 367 -18.43 -21.85 9.63
CA ARG B 367 -18.43 -20.42 9.36
C ARG B 367 -17.69 -19.65 10.44
N LYS B 368 -17.46 -20.31 11.58
CA LYS B 368 -16.72 -19.71 12.68
C LYS B 368 -15.22 -19.85 12.53
N GLY B 369 -14.75 -20.58 11.52
CA GLY B 369 -13.34 -20.70 11.23
C GLY B 369 -12.75 -19.56 10.43
N ILE B 370 -13.58 -18.59 10.04
CA ILE B 370 -13.10 -17.42 9.32
C ILE B 370 -12.65 -16.30 10.25
N ALA B 371 -13.24 -16.20 11.44
CA ALA B 371 -12.81 -15.19 12.41
C ALA B 371 -11.36 -15.42 12.84
N THR B 372 -10.88 -16.66 12.78
CA THR B 372 -9.48 -16.94 13.07
C THR B 372 -8.56 -16.26 12.06
N LEU B 373 -8.95 -16.22 10.79
CA LEU B 373 -8.17 -15.48 9.80
C LEU B 373 -8.14 -14.00 10.12
N ALA B 374 -9.27 -13.45 10.57
CA ALA B 374 -9.30 -12.04 10.97
C ALA B 374 -8.39 -11.79 12.16
N VAL B 375 -8.36 -12.72 13.12
CA VAL B 375 -7.47 -12.58 14.27
C VAL B 375 -6.02 -12.64 13.83
N VAL B 376 -5.69 -13.55 12.92
CA VAL B 376 -4.32 -13.64 12.42
C VAL B 376 -3.91 -12.38 11.68
N LEU B 377 -4.80 -11.83 10.85
CA LEU B 377 -4.49 -10.58 10.15
C LEU B 377 -4.37 -9.41 11.12
N GLY B 378 -5.16 -9.40 12.19
CA GLY B 378 -5.00 -8.38 13.22
C GLY B 378 -3.65 -8.49 13.92
N ALA B 379 -3.24 -9.72 14.23
CA ALA B 379 -1.96 -9.95 14.89
C ALA B 379 -0.77 -9.51 14.03
N PHE B 380 -1.01 -9.12 12.79
CA PHE B 380 0.01 -8.53 11.92
C PHE B 380 -0.19 -7.03 11.74
N ALA B 381 -1.43 -6.61 11.47
CA ALA B 381 -1.69 -5.19 11.25
C ALA B 381 -1.47 -4.39 12.52
N ALA B 382 -2.06 -4.82 13.63
CA ALA B 382 -1.92 -4.07 14.88
C ALA B 382 -0.48 -4.06 15.38
N CYS B 383 0.38 -4.92 14.86
CA CYS B 383 1.77 -4.98 15.25
C CYS B 383 2.69 -4.19 14.33
N TRP B 384 2.39 -4.13 13.02
CA TRP B 384 3.29 -3.47 12.08
C TRP B 384 2.80 -2.12 11.60
N LEU B 385 1.52 -1.77 11.82
CA LEU B 385 1.04 -0.45 11.43
C LEU B 385 1.68 0.67 12.23
N PRO B 386 1.82 0.59 13.58
CA PRO B 386 2.36 1.72 14.33
C PRO B 386 3.71 2.23 13.81
N PHE B 387 4.69 1.35 13.66
CA PHE B 387 6.00 1.81 13.21
C PHE B 387 5.97 2.28 11.77
N THR B 388 5.28 1.55 10.89
CA THR B 388 5.25 1.92 9.48
C THR B 388 4.43 3.18 9.22
N VAL B 389 3.64 3.63 10.19
CA VAL B 389 2.96 4.91 10.10
C VAL B 389 3.77 6.02 10.75
N TYR B 390 4.40 5.73 11.90
CA TYR B 390 5.27 6.70 12.56
C TYR B 390 6.49 7.03 11.71
N CYS B 391 6.89 6.12 10.81
CA CYS B 391 7.96 6.44 9.87
C CYS B 391 7.61 7.62 8.99
N LEU B 392 6.32 7.80 8.70
CA LEU B 392 5.85 8.91 7.87
C LEU B 392 5.38 10.10 8.69
N LEU B 393 4.84 9.85 9.88
CA LEU B 393 4.36 10.92 10.75
C LEU B 393 5.41 11.36 11.77
N GLY B 394 6.63 10.82 11.70
CA GLY B 394 7.65 11.12 12.67
C GLY B 394 8.70 12.08 12.13
N ASP B 395 9.43 12.69 13.07
CA ASP B 395 10.47 13.66 12.75
C ASP B 395 11.77 13.25 13.43
N ALA B 396 12.87 13.80 12.91
CA ALA B 396 14.18 13.50 13.48
C ALA B 396 14.28 13.99 14.92
N HIS B 397 13.68 15.14 15.21
CA HIS B 397 13.74 15.73 16.54
C HIS B 397 12.64 15.21 17.47
N SER B 398 11.84 14.25 17.02
CA SER B 398 10.80 13.67 17.86
C SER B 398 11.44 12.90 19.02
N PRO B 399 10.71 12.77 20.13
CA PRO B 399 11.28 12.09 21.31
C PRO B 399 11.68 10.67 20.98
N PRO B 400 12.79 10.19 21.55
CA PRO B 400 13.22 8.81 21.26
C PRO B 400 12.30 7.75 21.86
N LEU B 401 11.44 8.11 22.81
CA LEU B 401 10.54 7.13 23.41
C LEU B 401 9.57 6.56 22.37
N TYR B 402 9.19 7.36 21.38
CA TYR B 402 8.23 6.90 20.38
C TYR B 402 8.80 5.76 19.55
N THR B 403 10.10 5.82 19.24
CA THR B 403 10.71 4.75 18.45
C THR B 403 10.59 3.40 19.16
N TYR B 404 10.94 3.36 20.44
CA TYR B 404 10.82 2.11 21.19
C TYR B 404 9.36 1.71 21.34
N LEU B 405 8.49 2.66 21.67
CA LEU B 405 7.09 2.33 21.95
C LEU B 405 6.35 1.86 20.70
N THR B 406 6.84 2.20 19.51
CA THR B 406 6.25 1.70 18.28
C THR B 406 7.00 0.53 17.66
N LEU B 407 8.26 0.30 18.06
CA LEU B 407 8.99 -0.85 17.55
C LEU B 407 8.83 -2.08 18.43
N LEU B 408 8.39 -1.93 19.67
CA LEU B 408 8.12 -3.08 20.52
C LEU B 408 7.05 -4.00 19.94
N PRO B 409 5.91 -3.51 19.44
CA PRO B 409 4.98 -4.42 18.75
C PRO B 409 5.58 -5.12 17.55
N ALA B 410 6.54 -4.50 16.86
CA ALA B 410 7.20 -5.18 15.75
C ALA B 410 7.94 -6.42 16.23
N THR B 411 8.61 -6.32 17.39
CA THR B 411 9.25 -7.50 17.97
C THR B 411 8.22 -8.52 18.45
N TYR B 412 7.11 -8.04 19.02
CA TYR B 412 6.06 -8.95 19.44
C TYR B 412 5.49 -9.75 18.27
N ASN B 413 5.44 -9.13 17.09
CA ASN B 413 4.95 -9.83 15.90
C ASN B 413 5.83 -11.03 15.56
N SER B 414 7.15 -10.83 15.55
CA SER B 414 8.06 -11.95 15.32
C SER B 414 8.03 -12.94 16.46
N MET B 415 7.70 -12.49 17.68
CA MET B 415 7.55 -13.42 18.79
C MET B 415 6.37 -14.34 18.59
N ILE B 416 5.25 -13.80 18.10
CA ILE B 416 4.03 -14.61 17.98
C ILE B 416 3.91 -15.33 16.64
N ASN B 417 4.71 -14.97 15.63
CA ASN B 417 4.61 -15.65 14.34
C ASN B 417 4.86 -17.16 14.43
N PRO B 418 5.89 -17.66 15.13
CA PRO B 418 6.05 -19.13 15.20
C PRO B 418 4.87 -19.84 15.84
N ILE B 419 4.22 -19.22 16.83
CA ILE B 419 3.07 -19.87 17.47
C ILE B 419 1.94 -20.05 16.47
N ILE B 420 1.67 -19.02 15.66
CA ILE B 420 0.59 -19.10 14.69
C ILE B 420 0.95 -20.04 13.55
N TYR B 421 2.17 -19.95 13.04
CA TYR B 421 2.51 -20.59 11.77
C TYR B 421 3.32 -21.87 11.92
N ALA B 422 3.96 -22.12 13.06
CA ALA B 422 4.81 -23.30 13.21
C ALA B 422 4.31 -24.29 14.25
N PHE B 423 3.88 -23.83 15.41
CA PHE B 423 3.39 -24.71 16.47
C PHE B 423 1.91 -25.03 16.33
N ARG B 424 1.25 -24.52 15.29
CA ARG B 424 -0.12 -24.92 14.98
C ARG B 424 -0.19 -26.06 13.99
N ASN B 425 0.96 -26.52 13.46
CA ASN B 425 0.99 -27.62 12.52
C ASN B 425 0.83 -28.96 13.24
N GLN B 426 0.53 -29.99 12.47
CA GLN B 426 0.32 -31.33 13.05
C GLN B 426 1.64 -32.06 13.22
N ASP B 427 2.44 -32.15 12.16
CA ASP B 427 3.71 -32.87 12.24
C ASP B 427 4.68 -32.18 13.19
N VAL B 428 4.73 -30.85 13.16
CA VAL B 428 5.63 -30.12 14.05
C VAL B 428 5.24 -30.36 15.52
N GLN B 429 3.95 -30.31 15.81
CA GLN B 429 3.50 -30.58 17.18
C GLN B 429 3.77 -32.02 17.58
N LYS B 430 3.61 -32.96 16.65
CA LYS B 430 3.90 -34.35 16.95
C LYS B 430 5.37 -34.56 17.27
N VAL B 431 6.26 -33.91 16.51
CA VAL B 431 7.69 -34.00 16.79
C VAL B 431 8.01 -33.33 18.13
N LEU B 432 7.35 -32.22 18.43
CA LEU B 432 7.56 -31.53 19.71
C LEU B 432 7.15 -32.42 20.88
N TRP B 433 6.03 -33.13 20.75
CA TRP B 433 5.58 -34.01 21.82
C TRP B 433 6.51 -35.19 22.03
N ALA B 434 7.37 -35.49 21.07
CA ALA B 434 8.32 -36.58 21.19
C ALA B 434 9.71 -36.06 21.53
C13 5YM C . -5.19 14.10 -3.56
C12 5YM C . -4.85 12.84 -4.36
C11 5YM C . -5.22 11.57 -3.61
C10 5YM C . -4.39 10.38 -4.07
C14 5YM C . -5.41 15.31 -4.46
C15 5YM C . -4.97 16.61 -3.80
C21 5YM C . -5.16 22.09 -6.97
C16 5YM C . -5.58 17.83 -4.49
C17 5YM C . -4.51 18.83 -4.92
C18 5YM C . -5.11 20.16 -5.36
C22 5YM C . -4.85 22.34 -8.44
C01 5YM C . -12.37 3.19 -0.76
C02 5YM C . -11.71 4.57 -0.81
C03 5YM C . -10.43 4.57 -1.64
C04 5YM C . -9.57 5.80 -1.33
C05 5YM C . -8.34 5.90 -2.22
C06 5YM C . -7.57 7.19 -1.94
C07 5YM C . -6.48 7.47 -2.97
C08 5YM C . -6.04 8.93 -2.95
C09 5YM C . -4.76 9.16 -3.76
N20 5YM C . -4.60 20.83 -6.54
O19 5YM C . -5.99 20.65 -4.74
O23 5YM C . -5.67 23.39 -8.89
O2S 1DO D . 11.17 15.27 -3.00
C1 1DO D . 10.29 16.01 -3.82
C2 1DO D . 10.34 15.43 -5.24
C3 1DO D . 9.75 14.03 -5.38
C4 1DO D . 10.82 12.94 -5.50
C5 1DO D . 10.22 11.54 -5.67
C6 1DO D . 10.10 11.14 -7.14
C7 1DO D . 9.16 9.94 -7.31
C8 1DO D . 9.41 9.21 -8.62
C9 1DO D . 8.37 8.13 -8.90
C10 1DO D . 8.54 7.50 -10.28
C11 1DO D . 7.82 6.16 -10.39
C12 1DO D . 7.58 5.76 -11.84
CEK A1AJD E . -22.70 -7.69 0.95
CEL A1AJD E . -21.99 -6.35 1.11
CEM A1AJD E . -22.49 -5.54 2.31
CEN A1AJD E . -21.94 -6.01 3.66
CEO A1AJD E . -21.14 -4.96 4.42
CEP A1AJD E . -19.73 -4.77 3.88
CEQ A1AJD E . -19.19 -3.34 4.05
CER A1AJD E . -19.15 -2.86 5.50
O1 A1AJD E . -21.82 -8.57 0.31
C10 A1EM2 F . 1.39 -12.10 -4.83
C13 A1EM2 F . 1.82 -14.15 -6.91
C15 A1EM2 F . 3.42 -15.63 -8.18
C17 A1EM2 F . 5.81 -15.71 -7.83
C20 A1EM2 F . 3.60 -16.27 -9.39
C22 A1EM2 F . -0.36 -15.62 -7.64
C24 A1EM2 F . -2.55 -15.42 -7.20
C28 A1EM2 F . 2.11 -9.15 -7.23
CL01 A1EM2 F . 4.33 -7.66 -7.89
C02 A1EM2 F . 3.48 -8.94 -7.01
C03 A1EM2 F . 4.17 -9.72 -6.10
C04 A1EM2 F . 3.52 -10.72 -5.42
O05 A1EM2 F . 4.22 -11.54 -4.48
C06 A1EM2 F . 5.63 -11.56 -4.62
C07 A1EM2 F . 6.26 -11.66 -3.18
C08 A1EM2 F . 6.01 -12.74 -5.53
C09 A1EM2 F . 2.16 -10.93 -5.64
N11 A1EM2 F . 0.29 -12.63 -5.64
C12 A1EM2 F . 0.51 -13.81 -6.50
C14 A1EM2 F . 2.00 -15.24 -7.71
C16 A1EM2 F . 4.50 -15.34 -7.39
C18 A1EM2 F . 5.98 -16.34 -9.02
C19 A1EM2 F . 4.89 -16.63 -9.81
N21 A1EM2 F . 0.95 -15.97 -8.07
N23 A1EM2 F . -1.61 -16.18 -7.87
N25 A1EM2 F . -1.90 -14.42 -6.60
N26 A1EM2 F . -0.53 -14.57 -6.88
C27 A1EM2 F . 1.45 -10.14 -6.56
CEK A1AJD G . 1.86 -15.85 -14.41
CEL A1AJD G . 1.95 -15.20 -13.03
CEM A1AJD G . 2.37 -13.74 -13.10
CEN A1AJD G . 2.07 -12.99 -11.80
CEO A1AJD G . 2.95 -11.76 -11.61
CEP A1AJD G . 4.26 -12.07 -10.88
CEQ A1AJD G . 5.32 -11.01 -11.14
CER A1AJD G . 6.45 -11.07 -10.12
O1 A1AJD G . 1.97 -17.23 -14.25
C10 A1EM2 H . -11.51 -5.49 -3.15
C13 A1EM2 H . -14.01 -7.03 -2.69
C15 A1EM2 H . -16.46 -7.02 -2.11
C17 A1EM2 H . -18.61 -7.14 -1.03
C20 A1EM2 H . -16.58 -5.63 -2.12
C22 A1EM2 H . -14.11 -9.52 -3.75
C24 A1EM2 H . -12.56 -10.85 -4.69
C28 A1EM2 H . -10.51 -5.45 0.57
CL01 A1EM2 H . -10.89 -3.70 2.68
C02 A1EM2 H . -11.07 -4.22 1.01
C03 A1EM2 H . -11.75 -3.42 0.11
C04 A1EM2 H . -11.90 -3.82 -1.20
O05 A1EM2 H . -12.61 -3.01 -2.14
C06 A1EM2 H . -13.44 -1.99 -1.56
C07 A1EM2 H . -14.90 -2.55 -1.52
C08 A1EM2 H . -13.31 -0.72 -2.43
C09 A1EM2 H . -11.35 -5.03 -1.63
N11 A1EM2 H . -11.58 -6.97 -3.24
C12 A1EM2 H . -12.87 -7.65 -3.24
C14 A1EM2 H . -15.20 -7.68 -2.69
C16 A1EM2 H . -17.46 -7.76 -1.57
C18 A1EM2 H . -18.73 -5.77 -1.05
C19 A1EM2 H . -17.72 -5.01 -1.59
N21 A1EM2 H . -15.28 -8.90 -3.20
N23 A1EM2 H . -13.89 -10.77 -4.34
N25 A1EM2 H . -11.98 -9.71 -4.33
N26 A1EM2 H . -12.97 -8.88 -3.74
C27 A1EM2 H . -10.64 -5.84 -0.71
O2S 1DO I . -0.92 14.48 15.77
C1 1DO I . -1.30 13.28 16.37
C2 1DO I . -2.39 12.63 15.52
C3 1DO I . -1.84 11.60 14.54
C4 1DO I . -2.85 11.26 13.45
C5 1DO I . -2.51 9.94 12.77
C6 1DO I . -3.21 9.82 11.40
C7 1DO I . -3.32 8.38 10.93
C8 1DO I . -4.60 7.69 11.39
C9 1DO I . -4.53 6.16 11.52
C10 1DO I . -4.98 5.38 10.29
C11 1DO I . -4.09 5.61 9.06
C12 1DO I . -4.16 4.44 8.09
CEK A1AJD J . -17.71 -11.35 0.89
CEL A1AJD J . -16.61 -10.92 1.84
CEM A1AJD J . -15.90 -9.67 1.35
CEN A1AJD J . -14.57 -9.46 2.08
CEO A1AJD J . -14.16 -8.00 2.18
CEP A1AJD J . -14.74 -7.32 3.41
CEQ A1AJD J . -14.83 -5.81 3.25
CER A1AJD J . -16.17 -5.36 2.66
O1 A1AJD J . -18.65 -12.08 1.61
C13 5YM K . 11.99 -1.70 8.96
C12 5YM K . 10.67 -2.47 8.88
C11 5YM K . 10.11 -2.51 7.46
C10 5YM K . 8.64 -2.91 7.44
C14 5YM K . 12.81 -2.10 10.18
C15 5YM K . 13.63 -0.94 10.72
C21 5YM K . 17.02 -1.11 16.08
C16 5YM K . 14.71 -1.40 11.69
C17 5YM K . 14.70 -0.61 12.99
C18 5YM K . 15.94 -0.84 13.83
C22 5YM K . 16.62 -1.67 17.44
C01 5YM K . 9.29 -8.75 -2.15
C02 5YM K . 9.93 -7.95 -1.01
C03 5YM K . 8.92 -7.51 0.05
C04 5YM K . 9.47 -6.41 0.94
C05 5YM K . 8.46 -5.92 1.97
C06 5YM K . 9.05 -4.81 2.85
C07 5YM K . 8.21 -4.54 4.08
C08 5YM K . 8.97 -3.73 5.13
C09 5YM K . 8.12 -3.47 6.37
N20 5YM K . 15.83 -0.88 15.28
O19 5YM K . 16.99 -1.01 13.31
O23 5YM K . 17.75 -2.25 18.02
O2S 1DO L . 16.17 14.04 -3.37
C1 1DO L . 15.72 12.81 -2.88
C2 1DO L . 15.40 11.91 -4.06
C3 1DO L . 15.39 10.43 -3.67
C4 1DO L . 14.65 9.58 -4.70
C5 1DO L . 14.98 8.09 -4.54
C6 1DO L . 13.88 7.19 -5.10
C7 1DO L . 12.78 6.88 -4.07
C8 1DO L . 11.41 6.62 -4.71
C9 1DO L . 11.40 5.47 -5.71
C10 1DO L . 10.06 4.75 -5.80
C11 1DO L . 9.92 3.62 -4.78
C12 1DO L . 8.46 3.31 -4.48
O2S 1DO M . 4.71 11.82 15.58
C1 1DO M . 4.50 10.46 15.85
C2 1DO M . 3.06 10.10 15.51
C3 1DO M . 2.87 8.61 15.30
C4 1DO M . 1.41 8.19 15.39
C5 1DO M . 1.16 6.83 14.77
C6 1DO M . -0.16 6.22 15.24
C7 1DO M . -0.60 5.07 14.35
C8 1DO M . -1.61 4.15 15.05
C9 1DO M . -2.33 3.26 14.06
C10 1DO M . -2.99 2.06 14.75
C11 1DO M . -4.03 1.40 13.87
C12 1DO M . -4.36 -0.02 14.32
CEK A1AJD N . 7.96 -18.15 -12.11
CEL A1AJD N . 7.74 -16.65 -12.29
CEM A1AJD N . 8.44 -16.07 -13.52
CEN A1AJD N . 9.93 -15.77 -13.30
CEO A1AJD N . 10.27 -14.30 -13.13
CEP A1AJD N . 9.72 -13.67 -11.84
CEQ A1AJD N . 10.41 -12.38 -11.42
CER A1AJD N . 10.34 -11.27 -12.47
O1 A1AJD N . 6.87 -18.84 -12.67
#